data_8FY1
#
_entry.id   8FY1
#
_cell.length_a   47.482
_cell.length_b   94.593
_cell.length_c   81.180
_cell.angle_alpha   90.000
_cell.angle_beta   97.450
_cell.angle_gamma   90.000
#
_symmetry.space_group_name_H-M   'P 1 21 1'
#
loop_
_entity.id
_entity.type
_entity.pdbx_description
1 polymer 'von Hippel-Lindau disease tumor suppressor'
2 polymer Elongin-B
3 polymer Elongin-C
4 polymer 'Apoptosis regulator Bcl-2'
5 non-polymer N-[8-(4-{[(1R,3R,4S)-4-(4-chlorophenyl)-1-methyl-3-{[4-(4-{[4-{[(2R)-4-(morpholin-4-yl)-1-(phenylsulfanyl)butan-2-yl]amino}-3-(trifluoromethanesulfonyl)benzene-1-sulfonyl]carbamoyl}phenyl)piperazin-1-yl]methyl}cyclohexyl]methyl}piperazin-1-yl)-8-oxooctanoyl]-3-methyl-L-valyl-(4R)-4-hydroxy-N-{(1S)-1-[4-(4-methyl-1,3-thiazol-5-yl)phenyl]ethyl}-L-prolinamide
#
loop_
_entity_poly.entity_id
_entity_poly.type
_entity_poly.pdbx_seq_one_letter_code
_entity_poly.pdbx_strand_id
1 'polypeptide(L)'
;MGSSHHHHHHSSGLVPRGSHMEAGRPRPVLRSVNSREPSQVIFCNRSPRVVLPVWLNFDGEPQPYPTLPPGTGRRIHSYR
GHLWLFRDAGTHDGLLVNQTELFVPSLNVDGQPIFANITLPVYTLKERCLQVVRSLVKPENYRRLDIVRSLYEDLEDHPN
VQKDLERLTQERIAHQRMGD
;
A
2 'polypeptide(L)'
;MDVFLMIRRHKTTIFTDAKESSTVFELKRIVEGILKRPPDEQRLYKDDQLLDDGKTLGECGFTSQTARPQAPATVGLAFR
ADDTFEALCIEPFSSPPELPDVMKPQDSGSSANEQAVQ
;
B
3 'polypeptide(L)'
;MYVKLISSDGHEFIVKREHALTSGTIKAMLSGPGQFAENETNEVNFREIPSHVLSKVCMYFTYKVRYTNSSTEIPEFPIA
PEIALELLMAANFLDC
;
C
4 'polypeptide(L)'
;GSMAHAGRTGYDNREIVMKYIHYKLSQRGYEWDAGDVGAAPPGAAPAPGIFSSQPGHTPHPAASRDPVARTSPLQTPAAP
GAAAGPALSPVPPVVHLTLRQAGDDFSRRYRRDFAEMSSQLHLTPFTARGRFATVVEELFRDGVNWGRIVAFFEFGGVMC
VESVNREMSPLVDNIALWMTEYLNRHLHTWIQDNGGWDAFVELYGPSMR
;
D
#
# COMPACT_ATOMS: atom_id res chain seq x y z
N PRO A 28 -17.52 15.40 -2.35
CA PRO A 28 -16.37 14.52 -2.11
C PRO A 28 -16.40 13.91 -0.72
N VAL A 29 -17.06 12.76 -0.58
CA VAL A 29 -17.29 12.18 0.74
C VAL A 29 -16.02 11.64 1.37
N LEU A 30 -15.01 11.31 0.57
CA LEU A 30 -13.73 10.80 1.08
C LEU A 30 -12.72 11.95 1.07
N ARG A 31 -12.67 12.69 2.18
CA ARG A 31 -11.77 13.81 2.32
C ARG A 31 -11.42 13.97 3.79
N SER A 32 -10.35 14.72 4.05
CA SER A 32 -10.05 15.12 5.41
C SER A 32 -10.99 16.24 5.86
N VAL A 33 -11.10 16.39 7.17
CA VAL A 33 -11.85 17.48 7.79
C VAL A 33 -10.84 18.42 8.44
N ASN A 34 -10.91 19.70 8.08
CA ASN A 34 -9.99 20.69 8.62
C ASN A 34 -10.41 21.00 10.05
N SER A 35 -10.04 20.11 10.96
CA SER A 35 -10.43 20.24 12.35
C SER A 35 -9.46 21.12 13.13
N ARG A 36 -8.20 21.21 12.69
CA ARG A 36 -7.13 21.96 13.36
C ARG A 36 -6.78 21.37 14.73
N GLU A 37 -7.31 20.19 15.06
CA GLU A 37 -7.01 19.54 16.33
C GLU A 37 -5.92 18.51 16.10
N PRO A 38 -4.70 18.71 16.62
CA PRO A 38 -3.62 17.76 16.36
C PRO A 38 -3.96 16.36 16.87
N SER A 39 -3.35 15.37 16.23
CA SER A 39 -3.50 13.98 16.64
C SER A 39 -2.17 13.27 16.42
N GLN A 40 -1.51 12.90 17.52
CA GLN A 40 -0.27 12.15 17.43
C GLN A 40 -0.57 10.71 17.00
N VAL A 41 0.01 10.30 15.88
CA VAL A 41 -0.18 8.96 15.34
C VAL A 41 1.18 8.30 15.21
N ILE A 42 1.20 6.98 15.33
CA ILE A 42 2.39 6.18 15.06
C ILE A 42 2.08 5.28 13.88
N PHE A 43 2.72 5.56 12.74
CA PHE A 43 2.63 4.70 11.58
C PHE A 43 3.54 3.49 11.79
N CYS A 44 2.95 2.30 11.86
CA CYS A 44 3.68 1.07 12.16
C CYS A 44 3.55 0.12 10.98
N ASN A 45 4.68 -0.14 10.31
CA ASN A 45 4.70 -0.96 9.09
C ASN A 45 5.00 -2.40 9.47
N ARG A 46 3.93 -3.17 9.71
CA ARG A 46 4.05 -4.61 9.93
C ARG A 46 3.78 -5.37 8.64
N SER A 47 4.47 -5.00 7.58
CA SER A 47 4.35 -5.64 6.29
C SER A 47 5.74 -5.76 5.69
N PRO A 48 5.95 -6.67 4.73
CA PRO A 48 7.24 -6.76 4.05
C PRO A 48 7.44 -5.71 2.96
N ARG A 49 6.49 -4.82 2.75
CA ARG A 49 6.54 -3.83 1.68
C ARG A 49 7.06 -2.49 2.19
N VAL A 50 7.57 -1.68 1.26
CA VAL A 50 7.90 -0.30 1.54
C VAL A 50 6.60 0.51 1.40
N VAL A 51 6.12 1.05 2.51
CA VAL A 51 4.77 1.60 2.59
C VAL A 51 4.77 3.08 2.21
N LEU A 52 3.83 3.46 1.36
CA LEU A 52 3.64 4.86 1.00
C LEU A 52 2.42 5.40 1.75
N PRO A 53 2.60 6.23 2.77
CA PRO A 53 1.44 6.90 3.38
C PRO A 53 0.83 7.89 2.40
N VAL A 54 -0.49 7.86 2.30
CA VAL A 54 -1.22 8.71 1.36
C VAL A 54 -2.28 9.47 2.15
N TRP A 55 -2.13 10.80 2.21
CA TRP A 55 -3.09 11.67 2.87
C TRP A 55 -4.03 12.24 1.82
N LEU A 56 -5.33 12.19 2.09
CA LEU A 56 -6.34 12.82 1.24
C LEU A 56 -6.61 14.21 1.79
N ASN A 57 -6.31 15.24 0.99
CA ASN A 57 -6.47 16.60 1.49
C ASN A 57 -7.96 16.93 1.61
N PHE A 58 -8.23 18.19 1.96
CA PHE A 58 -9.60 18.62 2.25
C PHE A 58 -10.49 18.61 1.01
N ASP A 59 -9.92 18.52 -0.19
CA ASP A 59 -10.69 18.35 -1.41
C ASP A 59 -10.74 16.89 -1.86
N GLY A 60 -10.18 15.97 -1.08
CA GLY A 60 -10.20 14.57 -1.44
C GLY A 60 -9.10 14.12 -2.38
N GLU A 61 -8.12 14.98 -2.66
CA GLU A 61 -7.03 14.63 -3.56
C GLU A 61 -5.91 13.96 -2.77
N PRO A 62 -5.42 12.79 -3.21
CA PRO A 62 -4.39 12.09 -2.46
C PRO A 62 -3.05 12.80 -2.57
N GLN A 63 -2.32 12.82 -1.45
CA GLN A 63 -1.02 13.49 -1.37
C GLN A 63 0.01 12.52 -0.80
N PRO A 64 1.13 12.30 -1.47
CA PRO A 64 2.13 11.34 -0.98
C PRO A 64 2.97 11.91 0.15
N TYR A 65 3.31 11.03 1.09
CA TYR A 65 4.17 11.37 2.22
C TYR A 65 5.41 10.47 2.21
N PRO A 66 6.42 10.74 3.04
CA PRO A 66 7.64 9.90 2.99
C PRO A 66 7.34 8.44 3.29
N THR A 67 8.06 7.56 2.61
CA THR A 67 7.79 6.14 2.68
C THR A 67 8.35 5.52 3.96
N LEU A 68 7.92 4.30 4.23
CA LEU A 68 8.31 3.56 5.44
C LEU A 68 8.93 2.22 5.06
N PRO A 69 10.20 1.99 5.36
CA PRO A 69 10.81 0.69 5.07
C PRO A 69 10.13 -0.41 5.86
N PRO A 70 10.31 -1.68 5.46
CA PRO A 70 9.63 -2.77 6.17
C PRO A 70 10.04 -2.84 7.63
N GLY A 71 9.03 -2.93 8.51
CA GLY A 71 9.29 -3.13 9.91
C GLY A 71 9.71 -1.90 10.68
N THR A 72 9.51 -0.71 10.13
CA THR A 72 9.87 0.53 10.81
C THR A 72 8.62 1.28 11.23
N GLY A 73 8.75 2.07 12.29
CA GLY A 73 7.66 2.89 12.78
C GLY A 73 8.07 4.33 12.93
N ARG A 74 7.10 5.22 12.73
CA ARG A 74 7.34 6.66 12.86
C ARG A 74 6.21 7.28 13.65
N ARG A 75 6.57 8.03 14.69
CA ARG A 75 5.62 8.91 15.36
C ARG A 75 5.45 10.16 14.49
N ILE A 76 4.23 10.41 14.02
CA ILE A 76 3.98 11.50 13.09
C ILE A 76 2.86 12.38 13.63
N HIS A 77 2.85 13.62 13.15
CA HIS A 77 1.88 14.64 13.58
C HIS A 77 0.78 14.73 12.54
N SER A 78 -0.42 14.33 12.92
CA SER A 78 -1.61 14.41 12.08
C SER A 78 -2.68 15.23 12.81
N TYR A 79 -3.91 15.16 12.31
CA TYR A 79 -5.01 15.90 12.90
C TYR A 79 -6.25 15.01 12.95
N ARG A 80 -7.14 15.35 13.87
CA ARG A 80 -8.38 14.59 14.03
C ARG A 80 -9.27 14.77 12.79
N GLY A 81 -9.91 13.69 12.39
CA GLY A 81 -10.80 13.71 11.24
C GLY A 81 -10.12 13.72 9.89
N HIS A 82 -8.83 13.41 9.83
CA HIS A 82 -8.13 13.32 8.56
C HIS A 82 -8.21 11.90 8.00
N LEU A 83 -7.96 11.78 6.70
CA LEU A 83 -8.08 10.52 5.99
C LEU A 83 -6.70 10.07 5.50
N TRP A 84 -6.35 8.81 5.82
CA TRP A 84 -5.12 8.20 5.36
C TRP A 84 -5.41 6.86 4.69
N LEU A 85 -4.60 6.53 3.69
CA LEU A 85 -4.54 5.19 3.14
C LEU A 85 -3.09 4.86 2.85
N PHE A 86 -2.81 3.56 2.66
CA PHE A 86 -1.43 3.10 2.65
C PHE A 86 -1.20 2.12 1.51
N ARG A 87 -0.09 2.31 0.80
CA ARG A 87 0.18 1.62 -0.45
C ARG A 87 1.60 1.08 -0.46
N ASP A 88 1.81 0.05 -1.28
CA ASP A 88 3.16 -0.31 -1.69
C ASP A 88 3.75 0.85 -2.47
N ALA A 89 4.87 1.38 -1.97
CA ALA A 89 5.46 2.57 -2.58
C ALA A 89 5.93 2.34 -4.00
N GLY A 90 6.27 1.12 -4.36
CA GLY A 90 6.76 0.83 -5.70
C GLY A 90 5.67 0.50 -6.70
N THR A 91 4.66 -0.24 -6.25
CA THR A 91 3.63 -0.76 -7.14
C THR A 91 2.23 -0.29 -6.81
N HIS A 92 2.05 0.52 -5.76
CA HIS A 92 0.74 1.04 -5.34
C HIS A 92 -0.25 -0.07 -5.02
N ASP A 93 0.23 -1.29 -4.80
CA ASP A 93 -0.61 -2.35 -4.27
C ASP A 93 -1.30 -1.86 -3.01
N GLY A 94 -2.59 -2.17 -2.89
CA GLY A 94 -3.33 -1.73 -1.72
C GLY A 94 -2.86 -2.48 -0.47
N LEU A 95 -2.82 -1.76 0.63
CA LEU A 95 -2.51 -2.33 1.93
C LEU A 95 -3.63 -2.03 2.90
N LEU A 96 -3.58 -2.66 4.07
CA LEU A 96 -4.56 -2.43 5.11
C LEU A 96 -3.93 -1.64 6.25
N VAL A 97 -4.79 -0.95 7.00
CA VAL A 97 -4.38 -0.21 8.19
C VAL A 97 -5.42 -0.47 9.27
N ASN A 98 -4.99 -1.11 10.37
CA ASN A 98 -5.90 -1.61 11.39
C ASN A 98 -7.02 -2.43 10.74
N GLN A 99 -6.62 -3.32 9.83
CA GLN A 99 -7.48 -4.29 9.17
C GLN A 99 -8.57 -3.67 8.31
N THR A 100 -8.40 -2.43 7.87
CA THR A 100 -9.42 -1.78 7.05
C THR A 100 -8.75 -0.90 6.01
N GLU A 101 -9.57 -0.26 5.17
CA GLU A 101 -9.07 0.46 4.01
C GLU A 101 -8.42 1.78 4.42
N LEU A 102 -9.11 2.56 5.25
CA LEU A 102 -8.72 3.93 5.56
C LEU A 102 -8.53 4.10 7.06
N PHE A 103 -7.63 5.02 7.41
CA PHE A 103 -7.33 5.32 8.80
C PHE A 103 -7.70 6.77 9.09
N VAL A 104 -8.42 7.00 10.18
CA VAL A 104 -8.81 8.34 10.59
C VAL A 104 -8.25 8.61 11.98
N PRO A 105 -7.34 9.58 12.13
CA PRO A 105 -6.82 9.89 13.48
C PRO A 105 -7.93 10.36 14.40
N SER A 106 -7.82 9.98 15.67
CA SER A 106 -8.82 10.32 16.66
C SER A 106 -8.20 11.06 17.84
N LEU A 107 -8.97 11.29 18.89
CA LEU A 107 -8.47 12.02 20.05
C LEU A 107 -7.42 11.21 20.78
N ASN A 108 -6.37 11.90 21.23
CA ASN A 108 -5.30 11.27 22.01
C ASN A 108 -5.69 11.29 23.48
N VAL A 109 -6.03 10.12 24.00
CA VAL A 109 -6.42 9.98 25.41
C VAL A 109 -5.19 9.61 26.22
N ASP A 110 -5.09 10.18 27.42
CA ASP A 110 -4.03 9.88 28.38
C ASP A 110 -2.62 10.12 27.80
N GLY A 111 -2.51 11.01 26.82
CA GLY A 111 -1.24 11.23 26.17
C GLY A 111 -0.72 10.06 25.35
N GLN A 112 -1.61 9.15 24.95
CA GLN A 112 -1.20 8.00 24.15
C GLN A 112 -1.37 8.29 22.67
N PRO A 113 -0.38 7.98 21.85
CA PRO A 113 -0.55 8.12 20.40
C PRO A 113 -1.44 7.02 19.84
N ILE A 114 -2.05 7.33 18.70
CA ILE A 114 -2.90 6.38 17.98
C ILE A 114 -2.02 5.51 17.11
N PHE A 115 -2.22 4.20 17.18
CA PHE A 115 -1.45 3.27 16.37
C PHE A 115 -2.15 3.01 15.05
N ALA A 116 -1.38 3.10 13.97
CA ALA A 116 -1.83 2.80 12.62
C ALA A 116 -1.00 1.61 12.13
N ASN A 117 -1.42 0.41 12.53
CA ASN A 117 -0.71 -0.81 12.18
C ASN A 117 -1.00 -1.15 10.72
N ILE A 118 0.01 -1.00 9.87
CA ILE A 118 -0.10 -1.22 8.43
C ILE A 118 0.34 -2.64 8.13
N THR A 119 -0.55 -3.44 7.53
CA THR A 119 -0.28 -4.85 7.27
C THR A 119 -0.66 -5.20 5.84
N LEU A 120 -0.14 -6.33 5.38
CA LEU A 120 -0.57 -6.88 4.11
C LEU A 120 -2.03 -7.35 4.23
N PRO A 121 -2.82 -7.16 3.19
CA PRO A 121 -4.09 -7.88 3.09
C PRO A 121 -3.83 -9.30 2.62
N VAL A 122 -4.89 -10.12 2.63
CA VAL A 122 -4.82 -11.45 2.05
C VAL A 122 -5.30 -11.30 0.61
N TYR A 123 -4.35 -11.09 -0.29
CA TYR A 123 -4.69 -10.98 -1.70
C TYR A 123 -5.27 -12.28 -2.21
N THR A 124 -6.16 -12.18 -3.19
CA THR A 124 -6.55 -13.35 -3.94
C THR A 124 -5.31 -13.93 -4.61
N LEU A 125 -5.34 -15.24 -4.85
CA LEU A 125 -4.23 -15.88 -5.55
C LEU A 125 -3.98 -15.21 -6.90
N LYS A 126 -5.05 -14.88 -7.61
CA LYS A 126 -4.92 -14.24 -8.91
C LYS A 126 -4.20 -12.90 -8.81
N GLU A 127 -4.61 -12.05 -7.86
CA GLU A 127 -3.99 -10.75 -7.72
C GLU A 127 -2.52 -10.87 -7.34
N ARG A 128 -2.21 -11.77 -6.40
CA ARG A 128 -0.81 -12.00 -6.03
C ARG A 128 0.00 -12.48 -7.22
N CYS A 129 -0.57 -13.36 -8.04
CA CYS A 129 0.11 -13.80 -9.25
C CYS A 129 0.30 -12.65 -10.23
N LEU A 130 -0.70 -11.77 -10.34
CA LEU A 130 -0.57 -10.60 -11.20
C LEU A 130 0.55 -9.68 -10.71
N GLN A 131 0.70 -9.56 -9.38
CA GLN A 131 1.78 -8.76 -8.81
C GLN A 131 3.14 -9.31 -9.23
N VAL A 132 3.33 -10.63 -9.11
CA VAL A 132 4.62 -11.24 -9.40
C VAL A 132 4.94 -11.13 -10.89
N VAL A 133 3.96 -11.42 -11.75
CA VAL A 133 4.19 -11.38 -13.18
C VAL A 133 4.48 -9.94 -13.63
N ARG A 134 3.76 -8.97 -13.04
CA ARG A 134 4.06 -7.56 -13.32
C ARG A 134 5.49 -7.22 -12.95
N SER A 135 5.98 -7.75 -11.82
CA SER A 135 7.34 -7.45 -11.37
C SER A 135 8.40 -8.12 -12.23
N LEU A 136 8.01 -9.10 -13.05
CA LEU A 136 8.96 -9.85 -13.87
C LEU A 136 8.87 -9.52 -15.36
N VAL A 137 7.80 -8.88 -15.81
CA VAL A 137 7.58 -8.60 -17.22
C VAL A 137 7.37 -7.11 -17.40
N LYS A 138 8.06 -6.52 -18.38
CA LYS A 138 7.79 -5.14 -18.75
C LYS A 138 6.38 -5.03 -19.33
N PRO A 139 5.67 -3.93 -19.07
CA PRO A 139 4.31 -3.79 -19.61
C PRO A 139 4.24 -3.88 -21.12
N GLU A 140 5.32 -3.52 -21.82
CA GLU A 140 5.36 -3.66 -23.27
C GLU A 140 5.39 -5.11 -23.72
N ASN A 141 5.59 -6.05 -22.80
CA ASN A 141 5.70 -7.46 -23.13
C ASN A 141 4.61 -8.31 -22.48
N TYR A 142 3.62 -7.69 -21.83
CA TYR A 142 2.50 -8.43 -21.27
C TYR A 142 1.83 -9.32 -22.31
N ARG A 143 1.61 -8.77 -23.50
CA ARG A 143 0.88 -9.48 -24.54
C ARG A 143 1.72 -10.48 -25.31
N ARG A 144 2.98 -10.68 -24.93
CA ARG A 144 3.77 -11.76 -25.49
C ARG A 144 3.68 -13.05 -24.68
N LEU A 145 3.02 -13.00 -23.53
CA LEU A 145 2.82 -14.20 -22.72
C LEU A 145 1.73 -15.07 -23.32
N ASP A 146 1.90 -16.38 -23.21
CA ASP A 146 0.97 -17.35 -23.79
C ASP A 146 -0.15 -17.62 -22.78
N ILE A 147 -1.07 -16.66 -22.68
CA ILE A 147 -2.21 -16.72 -21.77
C ILE A 147 -3.43 -16.16 -22.48
N VAL A 148 -4.59 -16.33 -21.85
CA VAL A 148 -5.83 -15.84 -22.44
C VAL A 148 -5.81 -14.32 -22.53
N ARG A 149 -6.58 -13.78 -23.48
CA ARG A 149 -6.58 -12.35 -23.69
C ARG A 149 -7.13 -11.58 -22.48
N SER A 150 -7.95 -12.24 -21.66
CA SER A 150 -8.48 -11.55 -20.48
C SER A 150 -7.38 -11.23 -19.49
N LEU A 151 -6.36 -12.09 -19.40
CA LEU A 151 -5.28 -11.86 -18.45
C LEU A 151 -4.37 -10.71 -18.90
N TYR A 152 -4.33 -10.41 -20.19
CA TYR A 152 -3.64 -9.22 -20.64
C TYR A 152 -4.25 -7.97 -20.02
N GLU A 153 -5.58 -7.85 -20.09
CA GLU A 153 -6.27 -6.73 -19.45
C GLU A 153 -6.00 -6.69 -17.95
N ASP A 154 -6.00 -7.85 -17.29
CA ASP A 154 -5.76 -7.88 -15.85
C ASP A 154 -4.34 -7.42 -15.53
N LEU A 155 -3.37 -7.81 -16.35
CA LEU A 155 -1.98 -7.42 -16.09
C LEU A 155 -1.78 -5.92 -16.25
N GLU A 156 -2.32 -5.32 -17.30
CA GLU A 156 -2.19 -3.89 -17.52
C GLU A 156 -3.17 -3.07 -16.69
N ASP A 157 -4.01 -3.71 -15.88
CA ASP A 157 -4.90 -3.00 -14.96
C ASP A 157 -4.22 -2.85 -13.60
N HIS A 158 -3.15 -2.06 -13.62
CA HIS A 158 -2.34 -1.87 -12.43
C HIS A 158 -3.17 -1.24 -11.31
N PRO A 159 -2.86 -1.55 -10.05
CA PRO A 159 -3.57 -0.90 -8.94
C PRO A 159 -3.25 0.58 -8.90
N ASN A 160 -4.28 1.39 -8.69
CA ASN A 160 -4.15 2.83 -8.73
C ASN A 160 -5.03 3.45 -7.66
N VAL A 161 -4.48 4.46 -6.96
CA VAL A 161 -5.17 5.06 -5.83
C VAL A 161 -6.48 5.70 -6.26
N GLN A 162 -6.48 6.35 -7.42
CA GLN A 162 -7.66 7.09 -7.87
C GLN A 162 -8.86 6.18 -8.03
N LYS A 163 -8.73 5.10 -8.80
CA LYS A 163 -9.86 4.21 -9.03
C LYS A 163 -10.30 3.51 -7.75
N ASP A 164 -9.36 3.22 -6.85
CA ASP A 164 -9.73 2.63 -5.56
C ASP A 164 -10.45 3.63 -4.68
N LEU A 165 -10.04 4.90 -4.73
CA LEU A 165 -10.74 5.94 -3.98
C LEU A 165 -12.20 6.05 -4.41
N GLU A 166 -12.46 5.91 -5.71
CA GLU A 166 -13.82 6.04 -6.20
C GLU A 166 -14.66 4.82 -5.89
N ARG A 167 -14.03 3.64 -5.76
CA ARG A 167 -14.75 2.46 -5.33
C ARG A 167 -15.26 2.62 -3.90
N LEU A 168 -14.38 3.04 -3.00
CA LEU A 168 -14.78 3.25 -1.60
C LEU A 168 -15.84 4.33 -1.47
N THR A 169 -15.84 5.31 -2.37
CA THR A 169 -16.85 6.36 -2.34
C THR A 169 -18.25 5.79 -2.52
N GLN A 170 -18.41 4.86 -3.46
CA GLN A 170 -19.67 4.16 -3.67
C GLN A 170 -19.91 3.04 -2.66
N GLU A 171 -19.50 3.25 -1.41
CA GLU A 171 -19.74 2.30 -0.34
C GLU A 171 -20.17 3.03 0.93
N MET B 1 0.64 -22.89 19.27
CA MET B 1 1.61 -22.85 18.17
C MET B 1 1.31 -23.97 17.18
N ASP B 2 0.93 -23.59 15.96
CA ASP B 2 0.45 -24.54 14.96
C ASP B 2 1.48 -24.71 13.85
N VAL B 3 1.72 -25.96 13.47
CA VAL B 3 2.56 -26.28 12.32
C VAL B 3 1.66 -26.75 11.19
N PHE B 4 2.09 -26.49 9.96
CA PHE B 4 1.34 -26.84 8.76
C PHE B 4 2.19 -27.77 7.92
N LEU B 5 1.61 -28.91 7.52
CA LEU B 5 2.37 -30.04 7.04
C LEU B 5 1.81 -30.57 5.73
N MET B 6 2.68 -31.21 4.95
CA MET B 6 2.30 -32.04 3.83
C MET B 6 2.73 -33.47 4.16
N ILE B 7 1.76 -34.33 4.45
CA ILE B 7 2.03 -35.75 4.66
C ILE B 7 1.98 -36.43 3.30
N ARG B 8 3.12 -36.97 2.87
CA ARG B 8 3.28 -37.42 1.50
C ARG B 8 3.68 -38.89 1.45
N ARG B 9 3.06 -39.62 0.52
CA ARG B 9 3.40 -41.01 0.25
C ARG B 9 3.11 -41.28 -1.22
N HIS B 10 4.15 -41.69 -1.95
CA HIS B 10 4.04 -41.99 -3.38
C HIS B 10 3.51 -40.80 -4.16
N LYS B 11 2.26 -40.86 -4.58
CA LYS B 11 1.61 -39.77 -5.30
C LYS B 11 0.44 -39.19 -4.52
N THR B 12 0.53 -39.24 -3.19
CA THR B 12 -0.49 -38.68 -2.30
C THR B 12 0.14 -37.63 -1.40
N THR B 13 -0.56 -36.53 -1.20
CA THR B 13 -0.12 -35.48 -0.28
C THR B 13 -1.32 -35.00 0.52
N ILE B 14 -1.25 -35.14 1.84
CA ILE B 14 -2.30 -34.67 2.75
C ILE B 14 -1.87 -33.31 3.28
N PHE B 15 -2.71 -32.30 3.03
CA PHE B 15 -2.51 -30.98 3.61
C PHE B 15 -3.29 -30.90 4.92
N THR B 16 -2.56 -30.87 6.04
CA THR B 16 -3.18 -30.82 7.35
C THR B 16 -2.31 -29.98 8.28
N ASP B 17 -2.85 -29.68 9.45
CA ASP B 17 -2.14 -28.90 10.46
C ASP B 17 -2.23 -29.61 11.80
N ALA B 18 -1.26 -29.33 12.66
CA ALA B 18 -1.24 -29.87 14.01
C ALA B 18 -0.50 -28.91 14.91
N LYS B 19 -0.60 -29.15 16.22
CA LYS B 19 0.09 -28.33 17.20
C LYS B 19 1.52 -28.85 17.40
N GLU B 20 2.37 -27.98 17.93
CA GLU B 20 3.72 -28.43 18.30
C GLU B 20 3.67 -29.36 19.50
N SER B 21 2.73 -29.16 20.41
CA SER B 21 2.55 -30.07 21.53
C SER B 21 1.98 -31.42 21.08
N SER B 22 1.42 -31.50 19.88
CA SER B 22 0.93 -32.76 19.36
C SER B 22 2.10 -33.71 19.13
N THR B 23 1.82 -35.00 19.24
CA THR B 23 2.85 -36.03 19.11
C THR B 23 2.73 -36.76 17.78
N VAL B 24 3.79 -37.51 17.45
CA VAL B 24 3.85 -38.22 16.17
C VAL B 24 2.75 -39.26 16.08
N PHE B 25 2.44 -39.92 17.20
CA PHE B 25 1.34 -40.88 17.21
C PHE B 25 0.01 -40.19 16.94
N GLU B 26 -0.20 -39.01 17.54
CA GLU B 26 -1.41 -38.26 17.27
C GLU B 26 -1.48 -37.84 15.80
N LEU B 27 -0.33 -37.58 15.17
CA LEU B 27 -0.33 -37.33 13.74
C LEU B 27 -0.62 -38.61 12.95
N LYS B 28 -0.17 -39.76 13.45
CA LYS B 28 -0.55 -41.01 12.81
C LYS B 28 -2.05 -41.28 12.97
N ARG B 29 -2.66 -40.73 14.03
CA ARG B 29 -4.09 -40.94 14.23
C ARG B 29 -4.91 -40.18 13.19
N ILE B 30 -4.55 -38.93 12.90
CA ILE B 30 -5.31 -38.18 11.91
C ILE B 30 -5.11 -38.75 10.52
N VAL B 31 -3.94 -39.34 10.25
CA VAL B 31 -3.75 -40.07 9.00
C VAL B 31 -4.75 -41.23 8.91
N GLU B 32 -5.01 -41.89 10.04
CA GLU B 32 -5.94 -43.03 10.03
C GLU B 32 -7.34 -42.59 9.63
N GLY B 33 -7.80 -41.45 10.13
CA GLY B 33 -9.12 -40.97 9.76
C GLY B 33 -9.22 -40.68 8.27
N ILE B 34 -8.14 -40.22 7.66
CA ILE B 34 -8.17 -39.81 6.27
C ILE B 34 -7.94 -41.02 5.35
N LEU B 35 -6.90 -41.81 5.62
CA LEU B 35 -6.49 -42.89 4.73
C LEU B 35 -6.95 -44.27 5.19
N LYS B 36 -7.58 -44.37 6.37
CA LYS B 36 -8.13 -45.63 6.88
C LYS B 36 -7.04 -46.68 7.10
N ARG B 37 -5.96 -46.27 7.76
CA ARG B 37 -4.85 -47.15 8.09
C ARG B 37 -4.45 -46.90 9.54
N PRO B 38 -4.48 -47.90 10.41
CA PRO B 38 -4.16 -47.67 11.82
C PRO B 38 -2.71 -47.30 12.01
N PRO B 39 -2.36 -46.65 13.13
CA PRO B 39 -0.97 -46.18 13.30
C PRO B 39 0.06 -47.29 13.28
N ASP B 40 -0.28 -48.51 13.69
CA ASP B 40 0.68 -49.61 13.65
C ASP B 40 1.08 -49.99 12.23
N GLU B 41 0.36 -49.51 11.22
CA GLU B 41 0.71 -49.71 9.82
C GLU B 41 1.40 -48.48 9.22
N GLN B 42 1.76 -47.50 10.03
CA GLN B 42 2.27 -46.23 9.54
C GLN B 42 3.67 -45.97 10.10
N ARG B 43 4.61 -45.64 9.21
CA ARG B 43 5.88 -45.06 9.59
C ARG B 43 5.93 -43.62 9.08
N LEU B 44 6.27 -42.70 9.97
CA LEU B 44 6.40 -41.29 9.63
C LEU B 44 7.87 -40.92 9.59
N TYR B 45 8.18 -39.92 8.75
CA TYR B 45 9.56 -39.54 8.51
C TYR B 45 9.69 -38.04 8.42
N LYS B 46 10.87 -37.55 8.83
CA LYS B 46 11.33 -36.20 8.54
C LYS B 46 12.69 -36.36 7.84
N ASP B 47 12.71 -36.11 6.54
CA ASP B 47 13.86 -36.47 5.68
C ASP B 47 14.05 -37.98 5.82
N ASP B 48 15.24 -38.47 6.11
CA ASP B 48 15.47 -39.90 6.33
C ASP B 48 15.72 -40.14 7.82
N GLN B 49 14.66 -40.01 8.61
CA GLN B 49 14.74 -40.25 10.05
C GLN B 49 13.37 -40.66 10.54
N LEU B 50 13.22 -41.92 10.92
CA LEU B 50 11.96 -42.41 11.45
C LEU B 50 11.62 -41.69 12.75
N LEU B 51 10.35 -41.30 12.89
CA LEU B 51 9.89 -40.53 14.03
C LEU B 51 9.28 -41.45 15.07
N ASP B 52 9.66 -41.25 16.34
CA ASP B 52 9.09 -42.03 17.41
C ASP B 52 7.68 -41.57 17.72
N ASP B 53 6.80 -42.53 18.03
CA ASP B 53 5.39 -42.22 18.30
C ASP B 53 5.19 -41.45 19.61
N GLY B 54 6.25 -41.06 20.30
CA GLY B 54 6.12 -40.32 21.53
C GLY B 54 6.75 -38.95 21.48
N LYS B 55 7.53 -38.68 20.43
CA LYS B 55 8.17 -37.39 20.27
C LYS B 55 7.16 -36.36 19.76
N THR B 56 7.15 -35.19 20.38
CA THR B 56 6.31 -34.11 19.89
C THR B 56 6.85 -33.58 18.57
N LEU B 57 5.96 -33.01 17.76
CA LEU B 57 6.37 -32.49 16.46
C LEU B 57 7.43 -31.42 16.60
N GLY B 58 7.41 -30.64 17.69
CA GLY B 58 8.44 -29.65 17.90
C GLY B 58 9.81 -30.26 18.15
N GLU B 59 9.85 -31.42 18.83
CA GLU B 59 11.12 -32.09 19.07
C GLU B 59 11.75 -32.57 17.77
N CYS B 60 10.92 -33.06 16.84
CA CYS B 60 11.45 -33.55 15.56
C CYS B 60 11.99 -32.41 14.71
N GLY B 61 11.47 -31.19 14.89
CA GLY B 61 11.95 -30.04 14.16
C GLY B 61 10.83 -29.17 13.62
N PHE B 62 9.63 -29.72 13.50
CA PHE B 62 8.48 -28.99 12.96
C PHE B 62 8.11 -27.88 13.92
N THR B 63 8.55 -26.67 13.62
CA THR B 63 8.26 -25.48 14.42
C THR B 63 7.34 -24.54 13.64
N SER B 64 6.94 -23.45 14.30
CA SER B 64 6.04 -22.50 13.67
C SER B 64 6.67 -21.82 12.47
N GLN B 65 7.99 -21.64 12.48
CA GLN B 65 8.69 -20.91 11.43
C GLN B 65 9.35 -21.81 10.40
N THR B 66 9.16 -23.13 10.49
CA THR B 66 9.60 -24.05 9.45
C THR B 66 8.46 -24.88 8.89
N ALA B 67 7.22 -24.69 9.37
CA ALA B 67 6.04 -25.35 8.86
C ALA B 67 4.91 -24.31 8.78
N ARG B 68 5.04 -23.39 7.84
CA ARG B 68 4.10 -22.30 7.65
C ARG B 68 2.99 -22.70 6.69
N PRO B 69 1.87 -21.99 6.70
CA PRO B 69 0.78 -22.34 5.75
C PRO B 69 1.16 -22.15 4.30
N GLN B 70 2.01 -21.19 3.99
CA GLN B 70 2.45 -20.94 2.61
C GLN B 70 3.69 -21.74 2.24
N ALA B 71 4.35 -22.36 3.22
CA ALA B 71 5.45 -23.29 2.96
C ALA B 71 5.39 -24.39 4.02
N PRO B 72 4.55 -25.41 3.80
CA PRO B 72 4.37 -26.44 4.83
C PRO B 72 5.49 -27.46 4.83
N ALA B 73 5.81 -27.94 6.03
CA ALA B 73 6.84 -28.96 6.16
C ALA B 73 6.34 -30.29 5.63
N THR B 74 7.28 -31.09 5.10
CA THR B 74 6.97 -32.37 4.48
C THR B 74 7.20 -33.50 5.47
N VAL B 75 6.21 -34.38 5.61
CA VAL B 75 6.30 -35.58 6.43
C VAL B 75 6.13 -36.78 5.52
N GLY B 76 7.12 -37.68 5.54
CA GLY B 76 7.03 -38.89 4.73
C GLY B 76 6.21 -39.95 5.44
N LEU B 77 5.38 -40.64 4.66
CA LEU B 77 4.51 -41.71 5.15
C LEU B 77 4.85 -43.01 4.43
N ALA B 78 4.97 -44.09 5.19
CA ALA B 78 5.22 -45.41 4.64
C ALA B 78 4.26 -46.40 5.27
N PHE B 79 3.58 -47.17 4.44
CA PHE B 79 2.58 -48.13 4.90
C PHE B 79 3.17 -49.52 5.01
N ARG B 80 2.58 -50.33 5.88
CA ARG B 80 2.93 -51.74 6.02
C ARG B 80 1.96 -52.57 5.19
N ALA B 81 2.51 -53.38 4.27
CA ALA B 81 1.69 -54.23 3.42
C ALA B 81 0.99 -55.30 4.26
N ASP B 82 1.69 -56.39 4.55
CA ASP B 82 1.18 -57.40 5.47
C ASP B 82 2.07 -57.48 6.70
N ASP B 83 3.17 -58.21 6.61
CA ASP B 83 4.12 -58.32 7.71
C ASP B 83 5.25 -57.32 7.62
N THR B 84 5.69 -56.99 6.41
CA THR B 84 6.86 -56.16 6.20
C THR B 84 6.47 -54.71 5.95
N PHE B 85 7.26 -53.80 6.49
CA PHE B 85 7.06 -52.38 6.22
C PHE B 85 7.66 -52.01 4.88
N GLU B 86 6.92 -51.23 4.11
CA GLU B 86 7.39 -50.75 2.83
C GLU B 86 8.36 -49.59 3.03
N ALA B 87 9.40 -49.54 2.20
CA ALA B 87 10.34 -48.43 2.26
C ALA B 87 9.66 -47.15 1.79
N LEU B 88 10.06 -46.03 2.40
CA LEU B 88 9.49 -44.74 2.02
C LEU B 88 9.82 -44.42 0.58
N CYS B 89 8.79 -44.08 -0.18
CA CYS B 89 8.95 -43.66 -1.57
C CYS B 89 8.01 -42.50 -1.83
N ILE B 90 8.56 -41.39 -2.30
CA ILE B 90 7.77 -40.19 -2.60
C ILE B 90 8.09 -39.77 -4.03
N GLU B 91 7.08 -39.77 -4.87
CA GLU B 91 7.26 -39.30 -6.24
C GLU B 91 7.29 -37.77 -6.26
N PRO B 92 8.29 -37.16 -6.88
CA PRO B 92 8.39 -35.69 -6.86
C PRO B 92 7.31 -35.05 -7.73
N PHE B 93 7.01 -33.80 -7.40
CA PHE B 93 6.10 -33.02 -8.23
C PHE B 93 6.69 -32.80 -9.61
N SER B 94 5.84 -32.39 -10.55
CA SER B 94 6.30 -32.11 -11.90
C SER B 94 7.26 -30.92 -11.91
N SER B 95 7.92 -30.73 -13.04
CA SER B 95 8.84 -29.60 -13.09
C SER B 95 8.23 -28.45 -13.88
N PRO B 96 8.45 -27.21 -13.47
CA PRO B 96 8.01 -26.07 -14.27
C PRO B 96 8.77 -26.02 -15.58
N PRO B 97 8.23 -25.36 -16.60
CA PRO B 97 8.98 -25.19 -17.85
C PRO B 97 10.11 -24.20 -17.66
N GLU B 98 10.97 -24.10 -18.67
CA GLU B 98 12.01 -23.09 -18.64
C GLU B 98 11.36 -21.71 -18.58
N LEU B 99 11.99 -20.80 -17.84
CA LEU B 99 11.46 -19.46 -17.68
C LEU B 99 11.36 -18.77 -19.03
N PRO B 100 10.17 -18.33 -19.45
CA PRO B 100 10.06 -17.63 -20.74
C PRO B 100 10.94 -16.40 -20.80
N ASP B 101 11.22 -15.97 -22.04
CA ASP B 101 12.26 -14.97 -22.26
C ASP B 101 11.90 -13.63 -21.63
N VAL B 102 10.64 -13.18 -21.81
CA VAL B 102 10.24 -11.89 -21.28
C VAL B 102 10.17 -11.87 -19.77
N MET B 103 10.37 -13.00 -19.10
CA MET B 103 10.41 -13.07 -17.65
C MET B 103 11.83 -13.19 -17.12
N LYS B 104 12.84 -13.30 -17.99
CA LYS B 104 14.22 -13.39 -17.53
C LYS B 104 14.80 -11.99 -17.34
N PRO B 105 15.50 -11.73 -16.22
CA PRO B 105 16.11 -10.44 -15.92
C PRO B 105 17.13 -10.00 -16.98
N MET C 1 -13.93 -33.37 7.22
CA MET C 1 -14.29 -33.68 5.84
C MET C 1 -13.23 -33.16 4.87
N TYR C 2 -12.63 -34.06 4.10
CA TYR C 2 -11.58 -33.74 3.15
C TYR C 2 -12.06 -33.95 1.72
N VAL C 3 -11.24 -33.49 0.78
CA VAL C 3 -11.51 -33.59 -0.65
C VAL C 3 -10.20 -33.92 -1.36
N LYS C 4 -10.29 -34.71 -2.43
CA LYS C 4 -9.13 -35.14 -3.21
C LYS C 4 -9.09 -34.37 -4.52
N LEU C 5 -8.12 -33.47 -4.66
CA LEU C 5 -7.87 -32.77 -5.92
C LEU C 5 -6.75 -33.48 -6.66
N ILE C 6 -7.01 -33.86 -7.91
CA ILE C 6 -6.10 -34.71 -8.69
C ILE C 6 -5.52 -33.87 -9.82
N SER C 7 -4.18 -33.79 -9.88
CA SER C 7 -3.49 -32.99 -10.88
C SER C 7 -3.43 -33.74 -12.21
N SER C 8 -2.93 -33.03 -13.23
CA SER C 8 -2.86 -33.60 -14.57
C SER C 8 -1.92 -34.81 -14.61
N ASP C 9 -0.81 -34.75 -13.86
CA ASP C 9 0.16 -35.82 -13.83
C ASP C 9 -0.14 -36.86 -12.76
N GLY C 10 -1.38 -36.91 -12.26
CA GLY C 10 -1.83 -38.00 -11.42
C GLY C 10 -1.66 -37.81 -9.93
N HIS C 11 -0.99 -36.74 -9.50
CA HIS C 11 -0.82 -36.52 -8.07
C HIS C 11 -2.15 -36.24 -7.40
N GLU C 12 -2.36 -36.87 -6.25
CA GLU C 12 -3.59 -36.74 -5.47
C GLU C 12 -3.32 -35.85 -4.26
N PHE C 13 -4.04 -34.75 -4.16
CA PHE C 13 -3.90 -33.80 -3.06
C PHE C 13 -5.15 -33.87 -2.20
N ILE C 14 -4.98 -34.21 -0.95
CA ILE C 14 -6.07 -34.40 0.00
C ILE C 14 -6.11 -33.18 0.90
N VAL C 15 -7.03 -32.27 0.61
CA VAL C 15 -7.18 -31.05 1.37
C VAL C 15 -8.55 -31.05 2.04
N LYS C 16 -8.68 -30.25 3.08
CA LYS C 16 -9.96 -30.11 3.76
C LYS C 16 -10.99 -29.51 2.82
N ARG C 17 -12.24 -29.97 2.94
CA ARG C 17 -13.29 -29.45 2.08
C ARG C 17 -13.48 -27.94 2.26
N GLU C 18 -13.30 -27.45 3.48
CA GLU C 18 -13.43 -26.02 3.72
C GLU C 18 -12.36 -25.23 2.98
N HIS C 19 -11.14 -25.76 2.90
CA HIS C 19 -10.06 -25.07 2.21
C HIS C 19 -10.29 -25.04 0.71
N ALA C 20 -10.68 -26.19 0.13
CA ALA C 20 -10.87 -26.25 -1.32
C ALA C 20 -11.99 -25.35 -1.79
N LEU C 21 -13.02 -25.14 -0.97
CA LEU C 21 -14.13 -24.28 -1.34
C LEU C 21 -13.75 -22.80 -1.42
N THR C 22 -12.49 -22.46 -1.12
CA THR C 22 -11.97 -21.14 -1.47
C THR C 22 -12.17 -20.87 -2.96
N SER C 23 -12.02 -21.89 -3.78
CA SER C 23 -12.24 -21.79 -5.22
C SER C 23 -13.72 -22.00 -5.52
N GLY C 24 -14.36 -20.99 -6.10
CA GLY C 24 -15.72 -21.15 -6.58
C GLY C 24 -15.86 -22.14 -7.72
N THR C 25 -14.78 -22.33 -8.49
CA THR C 25 -14.78 -23.35 -9.55
C THR C 25 -14.82 -24.75 -8.95
N ILE C 26 -13.95 -25.02 -7.97
CA ILE C 26 -13.96 -26.30 -7.27
C ILE C 26 -15.29 -26.51 -6.56
N LYS C 27 -15.90 -25.43 -6.06
CA LYS C 27 -17.20 -25.53 -5.41
C LYS C 27 -18.24 -26.13 -6.35
N ALA C 28 -18.30 -25.63 -7.59
CA ALA C 28 -19.26 -26.17 -8.55
C ALA C 28 -18.83 -27.54 -9.06
N MET C 29 -17.52 -27.78 -9.15
CA MET C 29 -17.03 -29.08 -9.61
C MET C 29 -17.38 -30.20 -8.65
N LEU C 30 -17.59 -29.90 -7.37
CA LEU C 30 -18.01 -30.90 -6.40
C LEU C 30 -19.52 -30.97 -6.24
N SER C 31 -20.24 -29.91 -6.61
CA SER C 31 -21.69 -29.82 -6.43
C SER C 31 -22.44 -30.20 -7.71
N GLY C 32 -21.96 -31.22 -8.42
CA GLY C 32 -22.61 -31.63 -9.65
C GLY C 32 -22.19 -33.02 -10.10
N THR C 41 -16.54 -39.18 -5.84
CA THR C 41 -17.64 -38.41 -5.27
C THR C 41 -17.11 -37.10 -4.67
N ASN C 42 -16.20 -37.24 -3.71
CA ASN C 42 -15.45 -36.09 -3.17
C ASN C 42 -14.13 -35.89 -3.90
N GLU C 43 -14.10 -36.15 -5.20
CA GLU C 43 -12.92 -36.00 -6.01
C GLU C 43 -13.21 -35.07 -7.18
N VAL C 44 -12.13 -34.56 -7.79
CA VAL C 44 -12.22 -33.76 -8.99
C VAL C 44 -10.87 -33.77 -9.68
N ASN C 45 -10.90 -33.95 -10.99
CA ASN C 45 -9.69 -34.09 -11.80
C ASN C 45 -9.41 -32.79 -12.55
N PHE C 46 -8.18 -32.28 -12.42
CA PHE C 46 -7.73 -31.12 -13.16
C PHE C 46 -6.81 -31.62 -14.26
N ARG C 47 -7.39 -31.90 -15.43
CA ARG C 47 -6.65 -32.45 -16.56
C ARG C 47 -5.59 -31.49 -17.09
N GLU C 48 -5.58 -30.24 -16.62
CA GLU C 48 -4.72 -29.21 -17.18
C GLU C 48 -3.74 -28.60 -16.17
N ILE C 49 -3.84 -28.92 -14.89
CA ILE C 49 -3.03 -28.28 -13.86
C ILE C 49 -2.00 -29.31 -13.37
N PRO C 50 -0.72 -29.11 -13.63
CA PRO C 50 0.29 -30.06 -13.17
C PRO C 50 0.48 -29.97 -11.67
N SER C 51 1.19 -30.98 -11.13
CA SER C 51 1.28 -31.12 -9.68
C SER C 51 2.08 -30.00 -9.04
N HIS C 52 3.09 -29.45 -9.73
CA HIS C 52 3.83 -28.34 -9.16
C HIS C 52 3.01 -27.07 -9.07
N VAL C 53 1.96 -26.94 -9.89
CA VAL C 53 1.06 -25.81 -9.75
C VAL C 53 -0.03 -26.10 -8.72
N LEU C 54 -0.65 -27.29 -8.81
CA LEU C 54 -1.76 -27.62 -7.93
C LEU C 54 -1.31 -27.75 -6.48
N SER C 55 -0.08 -28.20 -6.24
CA SER C 55 0.43 -28.21 -4.87
C SER C 55 0.53 -26.80 -4.30
N LYS C 56 0.89 -25.84 -5.15
CA LYS C 56 1.01 -24.46 -4.68
C LYS C 56 -0.36 -23.83 -4.46
N VAL C 57 -1.37 -24.22 -5.25
CA VAL C 57 -2.72 -23.74 -5.03
C VAL C 57 -3.23 -24.18 -3.66
N CYS C 58 -2.94 -25.44 -3.30
CA CYS C 58 -3.37 -25.94 -1.99
C CYS C 58 -2.67 -25.22 -0.85
N MET C 59 -1.40 -24.85 -1.04
CA MET C 59 -0.73 -24.03 -0.04
C MET C 59 -1.41 -22.69 0.11
N TYR C 60 -1.90 -22.12 -0.99
CA TYR C 60 -2.65 -20.88 -0.89
C TYR C 60 -3.96 -21.08 -0.13
N PHE C 61 -4.62 -22.22 -0.34
CA PHE C 61 -5.84 -22.52 0.40
C PHE C 61 -5.58 -22.54 1.90
N THR C 62 -4.47 -23.17 2.31
CA THR C 62 -4.10 -23.14 3.73
C THR C 62 -3.78 -21.72 4.19
N TYR C 63 -2.97 -21.01 3.40
CA TYR C 63 -2.58 -19.65 3.75
C TYR C 63 -3.79 -18.73 3.86
N LYS C 64 -4.73 -18.83 2.92
CA LYS C 64 -5.87 -17.94 2.90
C LYS C 64 -6.77 -18.16 4.11
N VAL C 65 -7.07 -19.43 4.43
CA VAL C 65 -7.94 -19.71 5.56
C VAL C 65 -7.26 -19.39 6.88
N ARG C 66 -5.93 -19.50 6.93
CA ARG C 66 -5.22 -19.22 8.17
C ARG C 66 -5.24 -17.74 8.52
N TYR C 67 -5.01 -16.87 7.53
CA TYR C 67 -4.74 -15.46 7.79
C TYR C 67 -5.90 -14.52 7.48
N THR C 68 -6.99 -15.00 6.88
CA THR C 68 -8.12 -14.14 6.60
C THR C 68 -8.81 -13.75 7.90
N ASN C 69 -9.04 -12.44 8.08
CA ASN C 69 -9.66 -11.89 9.28
C ASN C 69 -8.83 -12.19 10.53
N SER C 70 -7.51 -12.18 10.37
CA SER C 70 -6.58 -12.41 11.46
C SER C 70 -5.85 -11.11 11.78
N SER C 71 -5.86 -10.72 13.05
CA SER C 71 -5.24 -9.47 13.46
C SER C 71 -3.72 -9.53 13.48
N THR C 72 -3.12 -10.73 13.41
CA THR C 72 -1.67 -10.84 13.49
C THR C 72 -1.03 -10.37 12.19
N GLU C 73 0.29 -10.18 12.25
CA GLU C 73 1.05 -9.82 11.07
C GLU C 73 0.95 -10.93 10.03
N ILE C 74 0.83 -10.52 8.77
CA ILE C 74 0.52 -11.43 7.67
C ILE C 74 1.76 -11.58 6.79
N PRO C 75 2.28 -12.78 6.61
CA PRO C 75 3.44 -12.97 5.73
C PRO C 75 3.04 -12.90 4.26
N GLU C 76 4.03 -12.61 3.43
CA GLU C 76 3.81 -12.61 2.00
C GLU C 76 3.60 -14.03 1.50
N PHE C 77 2.67 -14.18 0.57
CA PHE C 77 2.55 -15.49 -0.09
C PHE C 77 3.59 -15.55 -1.20
N PRO C 78 4.61 -16.39 -1.08
CA PRO C 78 5.69 -16.41 -2.07
C PRO C 78 5.30 -17.18 -3.31
N ILE C 79 5.79 -16.71 -4.46
CA ILE C 79 5.56 -17.34 -5.74
C ILE C 79 6.87 -17.31 -6.51
N ALA C 80 7.48 -18.49 -6.71
CA ALA C 80 8.73 -18.55 -7.44
C ALA C 80 8.51 -18.11 -8.89
N PRO C 81 9.47 -17.43 -9.50
CA PRO C 81 9.24 -16.89 -10.85
C PRO C 81 8.91 -17.96 -11.89
N GLU C 82 9.41 -19.18 -11.72
CA GLU C 82 9.22 -20.23 -12.71
C GLU C 82 7.81 -20.82 -12.69
N ILE C 83 7.02 -20.55 -11.66
CA ILE C 83 5.64 -21.04 -11.57
C ILE C 83 4.63 -19.91 -11.67
N ALA C 84 5.09 -18.65 -11.72
CA ALA C 84 4.17 -17.52 -11.61
C ALA C 84 3.12 -17.53 -12.71
N LEU C 85 3.55 -17.76 -13.95
CA LEU C 85 2.61 -17.69 -15.08
C LEU C 85 1.62 -18.86 -15.03
N GLU C 86 2.11 -20.08 -14.80
CA GLU C 86 1.23 -21.23 -14.68
C GLU C 86 0.26 -21.06 -13.52
N LEU C 87 0.75 -20.53 -12.40
CA LEU C 87 -0.12 -20.30 -11.25
C LEU C 87 -1.18 -19.25 -11.54
N LEU C 88 -0.85 -18.25 -12.36
CA LEU C 88 -1.84 -17.23 -12.73
C LEU C 88 -2.95 -17.84 -13.58
N MET C 89 -2.58 -18.66 -14.57
CA MET C 89 -3.60 -19.35 -15.37
C MET C 89 -4.50 -20.20 -14.49
N ALA C 90 -3.91 -20.89 -13.52
CA ALA C 90 -4.71 -21.71 -12.61
C ALA C 90 -5.61 -20.86 -11.72
N ALA C 91 -5.07 -19.77 -11.16
CA ALA C 91 -5.88 -18.88 -10.34
C ALA C 91 -7.02 -18.27 -11.14
N ASN C 92 -6.77 -17.96 -12.41
CA ASN C 92 -7.83 -17.42 -13.26
C ASN C 92 -8.93 -18.45 -13.49
N PHE C 93 -8.55 -19.72 -13.71
CA PHE C 93 -9.55 -20.76 -13.93
C PHE C 93 -10.33 -21.07 -12.66
N LEU C 94 -9.62 -21.16 -11.52
CA LEU C 94 -10.24 -21.53 -10.26
C LEU C 94 -10.92 -20.36 -9.55
N ASP C 95 -10.64 -19.12 -9.96
CA ASP C 95 -11.24 -17.92 -9.37
C ASP C 95 -11.04 -17.90 -7.84
N CYS C 96 -9.78 -17.69 -7.46
CA CYS C 96 -9.41 -17.58 -6.06
C CYS C 96 -8.12 -16.78 -5.90
N THR D 9 -9.24 43.54 -19.99
CA THR D 9 -8.05 44.30 -19.61
C THR D 9 -7.42 43.73 -18.35
N GLY D 10 -6.40 44.42 -17.84
CA GLY D 10 -5.71 44.03 -16.63
C GLY D 10 -4.22 43.96 -16.82
N TYR D 11 -3.54 43.75 -15.70
CA TYR D 11 -2.09 43.62 -15.65
C TYR D 11 -1.69 42.15 -15.59
N ASP D 12 -0.43 41.88 -15.92
CA ASP D 12 0.10 40.52 -15.86
C ASP D 12 0.45 40.20 -14.42
N ASN D 13 -0.37 39.37 -13.78
CA ASN D 13 -0.16 39.04 -12.37
C ASN D 13 1.11 38.22 -12.16
N ARG D 14 1.56 37.50 -13.19
CA ARG D 14 2.79 36.71 -13.04
C ARG D 14 3.98 37.61 -12.74
N GLU D 15 4.14 38.68 -13.53
CA GLU D 15 5.27 39.59 -13.31
C GLU D 15 5.20 40.24 -11.94
N ILE D 16 4.00 40.56 -11.47
CA ILE D 16 3.84 41.16 -10.15
C ILE D 16 4.34 40.19 -9.07
N VAL D 17 4.09 38.89 -9.26
CA VAL D 17 4.57 37.89 -8.32
C VAL D 17 6.10 37.77 -8.41
N MET D 18 6.62 37.62 -9.63
CA MET D 18 8.06 37.41 -9.81
C MET D 18 8.85 38.59 -9.26
N LYS D 19 8.45 39.82 -9.62
CA LYS D 19 9.16 41.01 -9.14
C LYS D 19 9.10 41.10 -7.63
N TYR D 20 7.96 40.76 -7.03
CA TYR D 20 7.82 40.86 -5.58
C TYR D 20 8.67 39.82 -4.86
N ILE D 21 8.60 38.56 -5.32
CA ILE D 21 9.36 37.50 -4.67
C ILE D 21 10.86 37.74 -4.82
N HIS D 22 11.29 38.21 -5.99
CA HIS D 22 12.70 38.54 -6.18
C HIS D 22 13.14 39.65 -5.23
N TYR D 23 12.24 40.58 -4.91
CA TYR D 23 12.56 41.62 -3.95
C TYR D 23 12.60 41.07 -2.53
N LYS D 24 11.62 40.23 -2.17
CA LYS D 24 11.56 39.70 -0.81
C LYS D 24 12.75 38.81 -0.49
N LEU D 25 13.25 38.06 -1.48
CA LEU D 25 14.42 37.23 -1.29
C LEU D 25 15.70 38.05 -1.22
N SER D 26 15.76 39.17 -1.96
CA SER D 26 16.94 40.02 -1.91
C SER D 26 17.09 40.70 -0.55
N GLN D 27 15.97 40.93 0.15
CA GLN D 27 16.01 41.50 1.48
C GLN D 27 16.72 40.61 2.49
N ARG D 28 16.95 39.34 2.15
CA ARG D 28 17.64 38.41 3.04
C ARG D 28 18.90 37.83 2.40
N GLY D 29 19.31 38.33 1.24
CA GLY D 29 20.56 37.94 0.63
C GLY D 29 20.50 36.80 -0.37
N TYR D 30 19.31 36.35 -0.73
CA TYR D 30 19.15 35.24 -1.66
C TYR D 30 18.83 35.76 -3.06
N GLU D 31 19.49 35.19 -4.06
CA GLU D 31 19.23 35.51 -5.45
C GLU D 31 18.38 34.40 -6.07
N TRP D 32 17.31 34.78 -6.76
CA TRP D 32 16.33 33.85 -7.30
C TRP D 32 16.60 33.64 -8.78
N ASP D 33 16.62 32.37 -9.20
CA ASP D 33 17.12 32.02 -10.53
C ASP D 33 15.96 31.63 -11.43
N ALA D 34 15.53 30.36 -11.45
CA ALA D 34 14.67 29.85 -12.50
C ALA D 34 13.34 30.60 -12.55
N GLY D 35 12.94 30.96 -13.77
CA GLY D 35 11.70 31.68 -13.99
C GLY D 35 11.72 32.53 -15.24
N SER D 89 -1.70 45.44 -20.19
CA SER D 89 -0.94 44.22 -19.94
C SER D 89 0.47 44.50 -19.35
N PRO D 90 1.18 45.52 -19.86
CA PRO D 90 2.42 45.92 -19.18
C PRO D 90 2.13 46.58 -17.84
N VAL D 91 2.94 46.23 -16.84
CA VAL D 91 2.75 46.73 -15.48
C VAL D 91 3.62 47.95 -15.27
N PRO D 92 3.08 49.04 -14.74
CA PRO D 92 3.89 50.25 -14.52
C PRO D 92 4.91 50.01 -13.43
N PRO D 93 5.97 50.82 -13.36
CA PRO D 93 6.98 50.62 -12.31
C PRO D 93 6.48 50.98 -10.92
N VAL D 94 5.58 51.96 -10.82
CA VAL D 94 5.11 52.38 -9.49
C VAL D 94 4.19 51.35 -8.86
N VAL D 95 3.66 50.41 -9.64
CA VAL D 95 2.85 49.34 -9.06
C VAL D 95 3.73 48.40 -8.23
N HIS D 96 4.90 48.04 -8.75
CA HIS D 96 5.80 47.16 -8.02
C HIS D 96 6.32 47.83 -6.77
N LEU D 97 6.86 49.04 -6.90
CA LEU D 97 7.45 49.74 -5.77
C LEU D 97 6.41 50.08 -4.69
N THR D 98 5.14 50.17 -5.06
CA THR D 98 4.09 50.39 -4.07
C THR D 98 3.82 49.13 -3.26
N LEU D 99 3.76 47.96 -3.93
CA LEU D 99 3.55 46.72 -3.22
C LEU D 99 4.74 46.39 -2.31
N ARG D 100 5.94 46.85 -2.67
CA ARG D 100 7.09 46.70 -1.79
C ARG D 100 6.88 47.45 -0.48
N GLN D 101 6.58 48.75 -0.57
CA GLN D 101 6.40 49.55 0.64
C GLN D 101 5.18 49.12 1.42
N ALA D 102 4.09 48.78 0.73
CA ALA D 102 2.88 48.34 1.41
C ALA D 102 3.10 47.01 2.12
N GLY D 103 3.93 46.13 1.55
CA GLY D 103 4.20 44.86 2.20
C GLY D 103 5.12 45.01 3.39
N ASP D 104 6.20 45.79 3.24
CA ASP D 104 7.08 46.07 4.36
C ASP D 104 6.36 46.82 5.46
N ASP D 105 5.34 47.62 5.11
CA ASP D 105 4.55 48.31 6.12
C ASP D 105 3.65 47.34 6.87
N PHE D 106 3.06 46.38 6.16
CA PHE D 106 2.25 45.35 6.80
C PHE D 106 3.07 44.56 7.81
N SER D 107 4.28 44.18 7.42
CA SER D 107 5.09 43.28 8.25
C SER D 107 5.53 43.98 9.54
N ARG D 108 5.87 45.27 9.47
CA ARG D 108 6.23 45.99 10.69
C ARG D 108 5.01 46.21 11.59
N ARG D 109 3.86 46.52 10.99
CA ARG D 109 2.66 46.74 11.80
C ARG D 109 2.19 45.46 12.47
N TYR D 110 2.41 44.31 11.85
CA TYR D 110 1.96 43.05 12.43
C TYR D 110 3.12 42.08 12.57
N ARG D 111 4.22 42.55 13.17
CA ARG D 111 5.40 41.71 13.36
C ARG D 111 5.12 40.51 14.26
N ARG D 112 4.12 40.60 15.13
CA ARG D 112 3.71 39.43 15.90
C ARG D 112 3.22 38.32 14.97
N ASP D 113 2.28 38.64 14.09
CA ASP D 113 1.81 37.66 13.12
C ASP D 113 2.91 37.27 12.14
N PHE D 114 3.79 38.20 11.79
CA PHE D 114 4.89 37.88 10.89
C PHE D 114 5.86 36.89 11.52
N ALA D 115 6.11 37.05 12.83
CA ALA D 115 7.08 36.19 13.51
C ALA D 115 6.53 34.79 13.70
N GLU D 116 5.32 34.67 14.25
CA GLU D 116 4.73 33.36 14.46
C GLU D 116 4.55 32.61 13.14
N MET D 117 4.37 33.34 12.04
CA MET D 117 4.22 32.68 10.74
C MET D 117 5.55 32.14 10.24
N SER D 118 6.62 32.94 10.39
CA SER D 118 7.94 32.46 9.98
C SER D 118 8.39 31.27 10.83
N SER D 119 7.87 31.14 12.05
CA SER D 119 8.27 30.03 12.91
C SER D 119 7.42 28.79 12.63
N GLN D 120 6.10 28.94 12.65
CA GLN D 120 5.18 27.81 12.55
C GLN D 120 4.86 27.41 11.11
N LEU D 121 5.82 27.56 10.20
CA LEU D 121 5.59 27.10 8.83
C LEU D 121 5.78 25.59 8.72
N HIS D 122 6.92 25.09 9.21
CA HIS D 122 7.26 23.67 9.14
C HIS D 122 7.18 23.17 7.70
N LEU D 123 7.92 23.85 6.83
CA LEU D 123 7.87 23.57 5.41
C LEU D 123 8.62 22.29 5.07
N THR D 124 7.94 21.39 4.37
CA THR D 124 8.53 20.28 3.65
C THR D 124 7.94 20.29 2.25
N PRO D 125 8.64 19.71 1.26
CA PRO D 125 8.09 19.70 -0.09
C PRO D 125 6.75 18.99 -0.23
N PHE D 126 6.44 18.05 0.68
CA PHE D 126 5.19 17.30 0.60
C PHE D 126 4.07 17.92 1.42
N THR D 127 4.32 19.06 2.08
CA THR D 127 3.28 19.82 2.77
C THR D 127 3.17 21.26 2.31
N ALA D 128 4.11 21.73 1.48
CA ALA D 128 4.13 23.15 1.09
C ALA D 128 2.86 23.54 0.35
N ARG D 129 2.34 22.65 -0.51
CA ARG D 129 1.13 22.97 -1.25
C ARG D 129 -0.06 23.14 -0.31
N GLY D 130 -0.25 22.19 0.60
CA GLY D 130 -1.36 22.30 1.53
C GLY D 130 -1.24 23.49 2.46
N ARG D 131 -0.02 23.80 2.90
CA ARG D 131 0.18 24.95 3.77
C ARG D 131 -0.23 26.25 3.09
N PHE D 132 0.14 26.41 1.82
CA PHE D 132 -0.24 27.61 1.08
C PHE D 132 -1.76 27.74 0.98
N ALA D 133 -2.43 26.70 0.47
CA ALA D 133 -3.87 26.75 0.27
C ALA D 133 -4.60 26.93 1.59
N THR D 134 -4.09 26.34 2.67
CA THR D 134 -4.75 26.44 3.97
C THR D 134 -4.74 27.88 4.47
N VAL D 135 -3.59 28.54 4.40
CA VAL D 135 -3.47 29.90 4.93
C VAL D 135 -4.20 30.88 4.02
N VAL D 136 -4.16 30.66 2.70
CA VAL D 136 -4.77 31.60 1.78
C VAL D 136 -6.29 31.51 1.83
N GLU D 137 -6.83 30.29 1.97
CA GLU D 137 -8.27 30.14 2.11
C GLU D 137 -8.77 30.84 3.38
N GLU D 138 -8.02 30.68 4.48
CA GLU D 138 -8.40 31.35 5.72
C GLU D 138 -8.23 32.86 5.63
N LEU D 139 -7.23 33.32 4.87
CA LEU D 139 -6.96 34.76 4.77
C LEU D 139 -8.14 35.50 4.13
N PHE D 140 -8.70 34.93 3.06
CA PHE D 140 -9.83 35.54 2.36
C PHE D 140 -11.15 34.86 2.69
N ARG D 141 -11.23 34.17 3.84
CA ARG D 141 -12.45 33.46 4.20
C ARG D 141 -13.63 34.41 4.35
N ASP D 142 -13.39 35.58 4.93
CA ASP D 142 -14.46 36.56 5.11
C ASP D 142 -14.69 37.40 3.87
N GLY D 143 -13.65 37.60 3.06
CA GLY D 143 -13.77 38.43 1.88
C GLY D 143 -12.41 38.98 1.49
N VAL D 144 -12.41 39.72 0.38
CA VAL D 144 -11.20 40.29 -0.19
C VAL D 144 -11.21 41.79 0.05
N ASN D 145 -10.08 42.31 0.52
CA ASN D 145 -9.80 43.75 0.49
C ASN D 145 -8.32 43.91 0.15
N TRP D 146 -7.85 45.16 0.09
CA TRP D 146 -6.48 45.39 -0.36
C TRP D 146 -5.46 44.95 0.68
N GLY D 147 -5.72 45.24 1.97
CA GLY D 147 -4.78 44.85 3.00
C GLY D 147 -4.55 43.36 3.06
N ARG D 148 -5.61 42.57 2.83
CA ARG D 148 -5.45 41.12 2.82
C ARG D 148 -4.73 40.65 1.56
N ILE D 149 -4.82 41.41 0.47
CA ILE D 149 -4.02 41.09 -0.71
C ILE D 149 -2.55 41.39 -0.46
N VAL D 150 -2.27 42.47 0.29
CA VAL D 150 -0.90 42.75 0.70
C VAL D 150 -0.38 41.65 1.62
N ALA D 151 -1.20 41.22 2.58
CA ALA D 151 -0.81 40.09 3.43
C ALA D 151 -0.64 38.82 2.62
N PHE D 152 -1.38 38.69 1.51
CA PHE D 152 -1.24 37.53 0.64
C PHE D 152 0.16 37.49 0.03
N PHE D 153 0.62 38.62 -0.51
CA PHE D 153 1.98 38.68 -1.05
C PHE D 153 3.01 38.51 0.05
N GLU D 154 2.76 39.11 1.22
CA GLU D 154 3.72 39.00 2.32
C GLU D 154 3.80 37.57 2.86
N PHE D 155 2.69 36.83 2.82
CA PHE D 155 2.73 35.43 3.21
C PHE D 155 3.54 34.62 2.21
N GLY D 156 3.28 34.79 0.92
CA GLY D 156 4.11 34.19 -0.10
C GLY D 156 5.57 34.58 0.01
N GLY D 157 5.86 35.73 0.62
CA GLY D 157 7.24 36.13 0.80
C GLY D 157 7.95 35.29 1.85
N VAL D 158 7.28 35.05 2.99
CA VAL D 158 7.92 34.29 4.05
C VAL D 158 8.06 32.82 3.65
N MET D 159 7.16 32.30 2.83
CA MET D 159 7.30 30.91 2.39
C MET D 159 8.50 30.75 1.47
N CYS D 160 8.74 31.73 0.60
CA CYS D 160 9.93 31.70 -0.25
C CYS D 160 11.20 31.87 0.59
N VAL D 161 11.17 32.76 1.58
CA VAL D 161 12.32 32.96 2.45
C VAL D 161 12.59 31.69 3.27
N GLU D 162 11.56 31.18 3.95
CA GLU D 162 11.74 29.99 4.77
C GLU D 162 12.08 28.77 3.93
N SER D 163 11.65 28.75 2.65
CA SER D 163 12.06 27.68 1.76
C SER D 163 13.58 27.66 1.60
N VAL D 164 14.16 28.82 1.28
CA VAL D 164 15.60 28.90 1.10
C VAL D 164 16.34 28.71 2.42
N ASN D 165 15.71 29.11 3.53
CA ASN D 165 16.30 28.86 4.85
C ASN D 165 16.50 27.36 5.07
N ARG D 166 15.45 26.57 4.84
CA ARG D 166 15.51 25.13 5.00
C ARG D 166 16.13 24.41 3.81
N GLU D 167 16.83 25.16 2.95
CA GLU D 167 17.52 24.60 1.78
C GLU D 167 16.54 23.87 0.86
N MET D 168 15.36 24.48 0.67
CA MET D 168 14.34 23.95 -0.22
C MET D 168 14.02 24.97 -1.29
N SER D 169 15.05 25.54 -1.90
CA SER D 169 14.86 26.58 -2.90
C SER D 169 13.98 26.18 -4.09
N PRO D 170 13.96 24.93 -4.56
CA PRO D 170 12.99 24.58 -5.62
C PRO D 170 11.54 24.94 -5.30
N LEU D 171 11.18 25.05 -4.01
CA LEU D 171 9.82 25.41 -3.66
C LEU D 171 9.46 26.84 -4.04
N VAL D 172 10.46 27.72 -4.21
CA VAL D 172 10.18 29.11 -4.58
C VAL D 172 9.44 29.18 -5.91
N ASP D 173 9.84 28.34 -6.87
CA ASP D 173 9.14 28.31 -8.15
C ASP D 173 7.69 27.89 -7.99
N ASN D 174 7.45 26.88 -7.14
CA ASN D 174 6.07 26.42 -6.92
C ASN D 174 5.23 27.49 -6.25
N ILE D 175 5.80 28.17 -5.24
CA ILE D 175 5.06 29.21 -4.53
C ILE D 175 4.68 30.34 -5.47
N ALA D 176 5.63 30.75 -6.33
CA ALA D 176 5.33 31.77 -7.32
C ALA D 176 4.20 31.34 -8.25
N LEU D 177 4.18 30.04 -8.61
CA LEU D 177 3.14 29.55 -9.50
C LEU D 177 1.78 29.51 -8.80
N TRP D 178 1.75 29.10 -7.53
CA TRP D 178 0.50 29.06 -6.79
C TRP D 178 -0.06 30.47 -6.56
N MET D 179 0.83 31.42 -6.25
CA MET D 179 0.39 32.80 -6.08
C MET D 179 -0.20 33.35 -7.38
N THR D 180 0.45 33.10 -8.51
CA THR D 180 -0.07 33.56 -9.79
C THR D 180 -1.40 32.89 -10.11
N GLU D 181 -1.52 31.59 -9.84
CA GLU D 181 -2.78 30.90 -10.07
C GLU D 181 -3.91 31.51 -9.25
N TYR D 182 -3.67 31.73 -7.96
CA TYR D 182 -4.73 32.25 -7.10
C TYR D 182 -5.12 33.67 -7.48
N LEU D 183 -4.18 34.46 -7.99
CA LEU D 183 -4.50 35.81 -8.42
C LEU D 183 -5.39 35.77 -9.66
N ASN D 184 -4.96 35.05 -10.70
CA ASN D 184 -5.71 35.00 -11.95
C ASN D 184 -7.06 34.30 -11.80
N ARG D 185 -7.26 33.54 -10.73
CA ARG D 185 -8.43 32.68 -10.58
C ARG D 185 -9.37 33.10 -9.47
N HIS D 186 -8.84 33.57 -8.33
CA HIS D 186 -9.68 33.87 -7.17
C HIS D 186 -9.63 35.32 -6.70
N LEU D 187 -8.76 36.16 -7.28
CA LEU D 187 -8.71 37.56 -6.91
C LEU D 187 -8.90 38.52 -8.08
N HIS D 188 -8.80 38.04 -9.32
CA HIS D 188 -8.83 38.94 -10.47
C HIS D 188 -10.17 39.65 -10.61
N THR D 189 -11.27 38.94 -10.32
CA THR D 189 -12.59 39.56 -10.41
C THR D 189 -12.71 40.70 -9.42
N TRP D 190 -12.29 40.48 -8.17
CA TRP D 190 -12.37 41.53 -7.17
C TRP D 190 -11.45 42.69 -7.52
N ILE D 191 -10.23 42.40 -7.95
CA ILE D 191 -9.25 43.46 -8.22
C ILE D 191 -9.76 44.39 -9.31
N GLN D 192 -10.20 43.82 -10.45
CA GLN D 192 -10.66 44.64 -11.55
C GLN D 192 -11.97 45.33 -11.23
N ASP D 193 -12.82 44.72 -10.40
CA ASP D 193 -14.06 45.38 -9.97
C ASP D 193 -13.82 46.47 -8.93
N ASN D 194 -12.58 46.65 -8.48
CA ASN D 194 -12.25 47.67 -7.50
C ASN D 194 -11.16 48.62 -8.02
N GLY D 195 -11.16 48.86 -9.32
CA GLY D 195 -10.24 49.81 -9.91
C GLY D 195 -8.89 49.26 -10.33
N GLY D 196 -8.69 47.94 -10.26
CA GLY D 196 -7.41 47.38 -10.64
C GLY D 196 -6.29 47.81 -9.70
N TRP D 197 -5.06 47.48 -10.13
CA TRP D 197 -3.89 47.85 -9.34
C TRP D 197 -3.67 49.36 -9.32
N ASP D 198 -4.13 50.06 -10.35
CA ASP D 198 -4.02 51.52 -10.36
C ASP D 198 -4.76 52.13 -9.18
N ALA D 199 -5.93 51.58 -8.83
CA ALA D 199 -6.62 52.04 -7.63
C ALA D 199 -5.82 51.75 -6.37
N PHE D 200 -4.98 50.71 -6.40
CA PHE D 200 -4.23 50.34 -5.20
C PHE D 200 -3.06 51.29 -4.95
N VAL D 201 -2.40 51.75 -6.01
CA VAL D 201 -1.22 52.60 -5.84
C VAL D 201 -1.61 53.93 -5.22
N GLU D 202 -2.82 54.42 -5.50
CA GLU D 202 -3.25 55.71 -4.98
C GLU D 202 -3.94 55.61 -3.63
N LEU D 203 -4.40 54.42 -3.24
CA LEU D 203 -4.82 54.22 -1.86
C LEU D 203 -3.63 54.20 -0.92
N TYR D 204 -2.46 53.82 -1.42
CA TYR D 204 -1.23 53.86 -0.64
C TYR D 204 -0.40 55.11 -0.91
N GLY D 205 -0.80 55.91 -1.90
CA GLY D 205 -0.09 57.12 -2.28
C GLY D 205 0.38 58.01 -1.14
N PRO D 206 -0.51 58.35 -0.20
CA PRO D 206 -0.08 59.23 0.90
C PRO D 206 1.08 58.70 1.72
N SER D 207 1.38 57.41 1.65
CA SER D 207 2.51 56.81 2.36
C SER D 207 3.55 56.37 1.33
N MET D 208 4.65 57.12 1.25
CA MET D 208 5.78 56.75 0.40
C MET D 208 7.08 57.27 0.99
#